data_1ZV8
#
_entry.id   1ZV8
#
_cell.length_a   31.054
_cell.length_b   55.565
_cell.length_c   71.678
_cell.angle_alpha   81.26
_cell.angle_beta   87.08
_cell.angle_gamma   84.10
#
_symmetry.space_group_name_H-M   'P 1'
#
loop_
_entity.id
_entity.type
_entity.pdbx_description
1 polymer 'E2 glycoprotein'
2 polymer 'E2 glycoprotein'
3 non-polymer 'SODIUM ION'
4 non-polymer 'CACODYLATE ION'
5 non-polymer 'ZINC ION'
6 non-polymer 'ACETATE ION'
7 water water
#
loop_
_entity_poly.entity_id
_entity_poly.type
_entity_poly.pdbx_seq_one_letter_code
_entity_poly.pdbx_strand_id
1 'polypeptide(L)' NQKQIANQFNKAISQIQESLTTTSTALGKLQDVVNQNAQALNTLVKQLSS A,C,E,G,I,K
2 'polypeptide(L)' DISGINASVVNIQKEIDRLNEVAKNLNESLIDLQEL B,D,F,H,J,L
#
loop_
_chem_comp.id
_chem_comp.type
_chem_comp.name
_chem_comp.formula
ACT non-polymer 'ACETATE ION' 'C2 H3 O2 -1'
CAC non-polymer 'CACODYLATE ION' 'C2 H6 As O2 -1'
NA non-polymer 'SODIUM ION' 'Na 1'
ZN non-polymer 'ZINC ION' 'Zn 2'
#
# COMPACT_ATOMS: atom_id res chain seq x y z
N ASN A 1 -5.03 2.81 43.40
CA ASN A 1 -3.94 3.73 43.03
C ASN A 1 -3.33 3.26 41.70
N GLN A 2 -3.24 1.94 41.56
CA GLN A 2 -2.70 1.36 40.37
C GLN A 2 -3.70 1.41 39.25
N LYS A 3 -4.99 1.40 39.60
CA LYS A 3 -6.01 1.42 38.56
C LYS A 3 -6.02 2.77 37.85
N GLN A 4 -5.78 3.87 38.58
CA GLN A 4 -5.73 5.22 38.00
C GLN A 4 -4.47 5.29 37.17
N ILE A 5 -3.37 4.71 37.63
CA ILE A 5 -2.16 4.70 36.78
C ILE A 5 -2.32 3.91 35.43
N ALA A 6 -2.81 2.67 35.54
CA ALA A 6 -2.93 1.79 34.39
C ALA A 6 -3.93 2.38 33.40
N ASN A 7 -4.98 3.00 33.94
CA ASN A 7 -6.08 3.52 33.13
C ASN A 7 -5.61 4.74 32.29
N GLN A 8 -4.68 5.55 32.81
CA GLN A 8 -4.17 6.70 32.05
C GLN A 8 -3.15 6.26 31.05
N PHE A 9 -2.41 5.22 31.41
CA PHE A 9 -1.44 4.63 30.53
C PHE A 9 -2.14 4.07 29.32
N ASN A 10 -3.18 3.27 29.55
CA ASN A 10 -3.93 2.72 28.40
C ASN A 10 -4.54 3.77 27.52
N LYS A 11 -5.17 4.79 28.12
CA LYS A 11 -5.60 5.96 27.35
C LYS A 11 -4.50 6.64 26.45
N ALA A 12 -3.42 7.09 27.03
CA ALA A 12 -2.29 7.57 26.27
C ALA A 12 -1.80 6.57 25.17
N ILE A 13 -1.71 5.27 25.46
CA ILE A 13 -1.25 4.27 24.43
C ILE A 13 -2.20 4.29 23.24
N SER A 14 -3.47 4.53 23.54
CA SER A 14 -4.51 4.52 22.51
C SER A 14 -4.37 5.76 21.61
N GLN A 15 -3.96 6.90 22.19
CA GLN A 15 -3.81 8.12 21.38
C GLN A 15 -2.50 7.91 20.58
N ILE A 16 -1.52 7.32 21.22
CA ILE A 16 -0.25 7.09 20.48
C ILE A 16 -0.46 6.18 19.27
N GLN A 17 -1.23 5.07 19.45
CA GLN A 17 -1.55 4.16 18.35
C GLN A 17 -2.20 4.90 17.14
N GLU A 18 -3.13 5.79 17.44
CA GLU A 18 -3.71 6.59 16.38
C GLU A 18 -2.66 7.50 15.75
N SER A 19 -1.70 8.00 16.54
CA SER A 19 -0.73 8.96 16.02
C SER A 19 0.20 8.19 15.00
N LEU A 20 0.42 6.92 15.26
CA LEU A 20 1.36 6.09 14.43
C LEU A 20 0.67 5.70 13.12
N THR A 21 -0.64 5.33 13.14
CA THR A 21 -1.37 5.00 11.93
C THR A 21 -1.64 6.31 11.14
N THR A 22 -1.81 7.44 11.84
CA THR A 22 -1.96 8.75 11.15
C THR A 22 -0.67 9.14 10.38
N THR A 23 0.45 8.99 11.07
CA THR A 23 1.75 9.31 10.51
C THR A 23 2.03 8.34 9.31
N SER A 24 1.77 7.03 9.44
CA SER A 24 2.04 6.14 8.28
C SER A 24 1.17 6.55 7.08
N THR A 25 -0.05 6.92 7.33
CA THR A 25 -0.95 7.40 6.25
C THR A 25 -0.33 8.65 5.62
N ALA A 26 0.05 9.69 6.42
CA ALA A 26 0.52 10.92 5.82
C ALA A 26 1.78 10.51 4.98
N LEU A 27 2.61 9.66 5.53
CA LEU A 27 3.85 9.28 4.80
C LEU A 27 3.55 8.48 3.56
N GLY A 28 2.48 7.67 3.53
CA GLY A 28 2.15 7.05 2.26
C GLY A 28 1.65 8.04 1.19
N LYS A 29 0.84 9.04 1.57
CA LYS A 29 0.30 10.02 0.61
C LYS A 29 1.49 10.80 0.04
N LEU A 30 2.51 11.01 0.84
CA LEU A 30 3.66 11.77 0.41
C LEU A 30 4.55 11.00 -0.54
N GLN A 31 4.74 9.74 -0.25
CA GLN A 31 5.53 8.87 -1.12
C GLN A 31 4.83 8.81 -2.48
N ASP A 32 3.51 8.60 -2.46
CA ASP A 32 2.79 8.45 -3.70
C ASP A 32 2.91 9.68 -4.64
N VAL A 33 2.86 10.87 -4.07
CA VAL A 33 2.93 12.11 -4.87
C VAL A 33 4.37 12.41 -5.28
N VAL A 34 5.26 12.23 -4.35
CA VAL A 34 6.65 12.36 -4.72
C VAL A 34 6.94 11.46 -5.96
N ASN A 35 6.55 10.19 -5.92
CA ASN A 35 6.87 9.27 -7.02
C ASN A 35 6.13 9.54 -8.32
N GLN A 36 4.91 10.07 -8.21
CA GLN A 36 4.10 10.56 -9.28
C GLN A 36 4.85 11.71 -9.95
N ASN A 37 5.29 12.69 -9.15
CA ASN A 37 5.88 13.89 -9.72
C ASN A 37 7.21 13.57 -10.32
N ALA A 38 7.95 12.62 -9.72
CA ALA A 38 9.19 12.13 -10.30
C ALA A 38 8.96 11.52 -11.73
N GLN A 39 7.90 10.72 -11.88
CA GLN A 39 7.54 10.17 -13.18
C GLN A 39 7.11 11.27 -14.17
N ALA A 40 6.33 12.24 -13.74
CA ALA A 40 5.97 13.31 -14.65
C ALA A 40 7.29 13.97 -15.17
N LEU A 41 8.22 14.34 -14.27
CA LEU A 41 9.43 15.06 -14.64
C LEU A 41 10.30 14.21 -15.56
N ASN A 42 10.31 12.90 -15.29
CA ASN A 42 11.00 11.95 -16.18
C ASN A 42 10.38 11.89 -17.59
N THR A 43 9.04 11.89 -17.64
CA THR A 43 8.30 11.83 -18.90
C THR A 43 8.53 13.10 -19.71
N LEU A 44 8.53 14.26 -19.04
CA LEU A 44 8.83 15.47 -19.77
C LEU A 44 10.21 15.39 -20.47
N VAL A 45 11.25 15.08 -19.68
CA VAL A 45 12.62 14.91 -20.16
C VAL A 45 12.66 13.97 -21.34
N LYS A 46 12.00 12.83 -21.21
CA LYS A 46 11.84 11.88 -22.32
C LYS A 46 11.35 12.56 -23.60
N GLN A 47 10.28 13.34 -23.49
CA GLN A 47 9.60 14.00 -24.62
C GLN A 47 10.50 15.08 -25.24
N LEU A 48 10.98 15.98 -24.38
CA LEU A 48 11.94 17.04 -24.71
C LEU A 48 13.24 16.59 -25.42
N SER A 49 13.71 15.35 -25.17
CA SER A 49 14.96 14.82 -25.75
C SER A 49 14.80 14.33 -27.19
N ILE B 5 3.37 15.20 -18.62
CA ILE B 5 2.17 16.10 -18.68
C ILE B 5 1.69 16.85 -17.37
N ASN B 6 1.46 16.16 -16.24
CA ASN B 6 0.94 16.84 -15.03
C ASN B 6 1.41 16.32 -13.66
N ALA B 7 1.79 17.25 -12.77
CA ALA B 7 2.28 16.88 -11.41
C ALA B 7 1.21 17.14 -10.39
N SER B 8 1.01 16.16 -9.52
CA SER B 8 -0.04 16.26 -8.52
C SER B 8 0.37 16.94 -7.20
N VAL B 9 -0.68 17.37 -6.49
CA VAL B 9 -0.64 18.13 -5.28
C VAL B 9 -0.85 17.07 -4.22
N VAL B 10 -0.17 17.26 -3.11
CA VAL B 10 -0.42 16.45 -1.96
C VAL B 10 -1.22 17.17 -0.90
N ASN B 11 -2.18 16.42 -0.31
CA ASN B 11 -3.05 16.92 0.75
C ASN B 11 -2.97 15.97 2.00
N ILE B 12 -2.09 16.31 2.95
CA ILE B 12 -2.02 15.60 4.25
C ILE B 12 -2.44 16.56 5.41
N GLN B 13 -3.08 17.62 5.06
CA GLN B 13 -3.39 18.60 6.08
C GLN B 13 -4.41 18.06 7.21
N LYS B 14 -5.46 17.33 6.87
CA LYS B 14 -6.06 16.43 7.87
C LYS B 14 -5.02 15.54 8.84
N GLU B 15 -3.95 14.98 8.29
CA GLU B 15 -3.07 14.08 9.12
C GLU B 15 -2.29 14.99 10.02
N ILE B 16 -1.94 16.16 9.50
CA ILE B 16 -1.09 17.04 10.26
C ILE B 16 -1.86 17.58 11.44
N ASP B 17 -3.11 17.93 11.13
CA ASP B 17 -4.05 18.41 12.18
C ASP B 17 -4.31 17.38 13.29
N ARG B 18 -4.69 16.18 12.88
CA ARG B 18 -4.88 15.08 13.85
C ARG B 18 -3.69 14.89 14.79
N LEU B 19 -2.45 14.95 14.31
CA LEU B 19 -1.29 14.74 15.18
C LEU B 19 -1.22 15.93 16.17
N ASN B 20 -1.67 17.12 15.78
CA ASN B 20 -1.54 18.20 16.76
C ASN B 20 -2.70 18.06 17.77
N GLU B 21 -3.84 17.54 17.30
CA GLU B 21 -4.96 17.26 18.18
C GLU B 21 -4.49 16.24 19.23
N VAL B 22 -3.83 15.14 18.79
CA VAL B 22 -3.38 14.02 19.67
C VAL B 22 -2.33 14.52 20.68
N ALA B 23 -1.48 15.43 20.24
CA ALA B 23 -0.51 16.04 21.15
C ALA B 23 -1.29 16.75 22.30
N LYS B 24 -2.30 17.57 21.96
CA LYS B 24 -3.11 18.22 22.97
C LYS B 24 -3.86 17.18 23.89
N ASN B 25 -4.53 16.23 23.27
CA ASN B 25 -5.17 15.07 23.99
C ASN B 25 -4.34 14.31 25.03
N LEU B 26 -3.07 14.08 24.75
CA LEU B 26 -2.19 13.45 25.72
C LEU B 26 -2.10 14.15 27.07
N ASN B 27 -2.37 15.44 27.12
CA ASN B 27 -2.47 16.11 28.44
C ASN B 27 -3.52 15.44 29.37
N GLU B 28 -4.72 15.25 28.88
CA GLU B 28 -5.71 14.50 29.65
C GLU B 28 -5.24 13.06 30.08
N SER B 29 -3.99 12.65 29.73
CA SER B 29 -3.41 11.39 30.25
C SER B 29 -2.33 11.60 31.31
N LEU B 30 -1.76 12.79 31.40
CA LEU B 30 -0.78 13.04 32.48
C LEU B 30 -1.31 12.72 33.87
N ILE B 31 -0.41 12.77 34.85
CA ILE B 31 -0.71 12.50 36.25
C ILE B 31 0.09 13.39 37.20
N GLN C 2 5.13 4.60 43.87
CA GLN C 2 4.15 4.93 42.78
C GLN C 2 4.39 6.30 42.16
N LYS C 3 5.07 7.16 42.89
CA LYS C 3 5.43 8.46 42.37
C LYS C 3 6.55 8.29 41.35
N GLN C 4 7.42 7.29 41.60
CA GLN C 4 8.49 6.95 40.65
C GLN C 4 7.94 6.42 39.31
N ILE C 5 6.93 5.54 39.29
CA ILE C 5 6.32 5.18 37.98
C ILE C 5 5.73 6.43 37.35
N ALA C 6 4.94 7.17 38.12
CA ALA C 6 4.14 8.24 37.54
C ALA C 6 5.01 9.42 37.03
N ASN C 7 6.07 9.76 37.76
CA ASN C 7 7.03 10.75 37.28
C ASN C 7 7.78 10.28 36.01
N GLN C 8 8.25 9.04 35.97
CA GLN C 8 8.74 8.45 34.68
C GLN C 8 7.77 8.40 33.49
N PHE C 9 6.49 8.04 33.75
CA PHE C 9 5.41 8.11 32.79
C PHE C 9 5.21 9.54 32.29
N ASN C 10 5.00 10.47 33.24
CA ASN C 10 4.74 11.86 32.89
C ASN C 10 5.94 12.38 32.05
N LYS C 11 7.17 12.02 32.42
CA LYS C 11 8.28 12.51 31.64
C LYS C 11 8.29 11.99 30.12
N ALA C 12 8.06 10.72 29.92
CA ALA C 12 7.91 10.11 28.61
C ALA C 12 6.75 10.79 27.86
N ILE C 13 5.57 10.95 28.47
CA ILE C 13 4.42 11.49 27.71
C ILE C 13 4.73 12.91 27.19
N SER C 14 5.38 13.69 28.05
CA SER C 14 5.81 15.04 27.65
C SER C 14 6.75 15.00 26.39
N GLN C 15 7.76 14.14 26.43
CA GLN C 15 8.58 13.96 25.25
C GLN C 15 7.81 13.48 24.00
N ILE C 16 6.93 12.49 24.17
CA ILE C 16 6.06 12.06 23.06
C ILE C 16 5.22 13.16 22.45
N GLN C 17 4.65 14.04 23.29
CA GLN C 17 3.79 15.10 22.79
C GLN C 17 4.61 16.03 21.91
N GLU C 18 5.85 16.34 22.37
CA GLU C 18 6.75 17.21 21.57
C GLU C 18 7.06 16.50 20.26
N SER C 19 7.33 15.19 20.31
CA SER C 19 7.57 14.42 19.02
C SER C 19 6.38 14.51 18.02
N LEU C 20 5.13 14.33 18.50
CA LEU C 20 4.01 14.53 17.63
C LEU C 20 4.09 15.86 16.94
N THR C 21 4.26 16.96 17.71
CA THR C 21 4.22 18.32 17.07
C THR C 21 5.45 18.48 16.16
N THR C 22 6.59 17.98 16.57
CA THR C 22 7.76 17.96 15.69
C THR C 22 7.51 17.19 14.31
N THR C 23 6.87 16.00 14.38
CA THR C 23 6.47 15.24 13.20
C THR C 23 5.48 16.01 12.34
N SER C 24 4.43 16.58 12.96
CA SER C 24 3.46 17.25 12.19
C SER C 24 4.04 18.51 11.44
N THR C 25 4.95 19.23 12.07
CA THR C 25 5.66 20.41 11.53
C THR C 25 6.51 19.93 10.31
N ALA C 26 7.28 18.83 10.48
CA ALA C 26 8.09 18.24 9.42
C ALA C 26 7.22 17.83 8.23
N LEU C 27 6.05 17.29 8.53
CA LEU C 27 5.13 16.86 7.48
C LEU C 27 4.59 18.07 6.73
N GLY C 28 4.33 19.16 7.46
CA GLY C 28 3.91 20.40 6.84
C GLY C 28 4.92 20.97 5.86
N LYS C 29 6.18 20.92 6.26
CA LYS C 29 7.23 21.54 5.49
C LYS C 29 7.35 20.73 4.21
N LEU C 30 7.28 19.39 4.31
CA LEU C 30 7.34 18.51 3.17
C LEU C 30 6.16 18.74 2.27
N GLN C 31 4.97 18.84 2.85
CA GLN C 31 3.77 19.10 2.05
C GLN C 31 3.92 20.46 1.27
N ASP C 32 4.48 21.47 1.91
CA ASP C 32 4.74 22.78 1.26
C ASP C 32 5.68 22.72 0.06
N VAL C 33 6.89 22.20 0.26
CA VAL C 33 7.86 22.09 -0.83
C VAL C 33 7.40 21.15 -2.01
N VAL C 34 6.72 20.07 -1.68
CA VAL C 34 6.20 19.15 -2.69
C VAL C 34 5.18 19.85 -3.55
N ASN C 35 4.35 20.59 -2.92
CA ASN C 35 3.36 21.40 -3.62
C ASN C 35 3.97 22.51 -4.50
N GLN C 36 4.96 23.20 -3.98
CA GLN C 36 5.55 24.32 -4.72
C GLN C 36 6.35 23.80 -5.95
N ASN C 37 7.06 22.71 -5.76
CA ASN C 37 7.71 21.99 -6.83
C ASN C 37 6.76 21.46 -7.87
N ALA C 38 5.55 20.99 -7.47
CA ALA C 38 4.55 20.57 -8.50
C ALA C 38 3.90 21.73 -9.25
N GLN C 39 3.86 22.92 -8.63
CA GLN C 39 3.53 24.16 -9.38
C GLN C 39 4.62 24.50 -10.42
N ALA C 40 5.86 24.50 -9.97
CA ALA C 40 7.00 24.80 -10.82
C ALA C 40 7.04 23.99 -12.10
N LEU C 41 6.82 22.69 -11.91
CA LEU C 41 6.76 21.72 -12.98
C LEU C 41 5.51 22.00 -13.80
N ASN C 42 4.36 22.24 -13.17
CA ASN C 42 3.17 22.49 -14.00
C ASN C 42 3.27 23.78 -14.87
N THR C 43 3.76 24.88 -14.31
CA THR C 43 4.03 26.02 -15.17
C THR C 43 5.21 25.84 -16.17
N LEU C 44 6.18 24.97 -15.86
CA LEU C 44 7.17 24.61 -16.87
C LEU C 44 6.47 24.03 -18.07
N VAL C 45 5.64 23.00 -17.81
CA VAL C 45 4.89 22.31 -18.87
C VAL C 45 4.07 23.23 -19.79
N LYS C 46 3.16 24.02 -19.20
CA LYS C 46 2.47 25.09 -19.93
C LYS C 46 3.39 25.66 -21.04
N GLN C 47 4.60 26.04 -20.58
CA GLN C 47 5.48 26.97 -21.28
C GLN C 47 6.31 26.37 -22.47
N ILE D 5 10.69 30.33 -13.02
CA ILE D 5 10.47 28.96 -12.44
C ILE D 5 11.69 28.50 -11.60
N ASN D 6 11.44 28.19 -10.33
CA ASN D 6 12.46 27.69 -9.44
C ASN D 6 11.81 26.71 -8.50
N ALA D 7 12.44 25.55 -8.30
CA ALA D 7 11.94 24.57 -7.37
C ALA D 7 12.72 24.79 -6.07
N SER D 8 12.00 24.86 -4.96
CA SER D 8 12.67 25.07 -3.67
C SER D 8 13.02 23.72 -3.02
N VAL D 9 13.96 23.81 -2.08
CA VAL D 9 14.45 22.69 -1.32
C VAL D 9 13.66 22.66 0.00
N VAL D 10 13.59 21.53 0.70
CA VAL D 10 12.93 21.55 1.99
C VAL D 10 14.01 21.38 3.04
N ASN D 11 13.89 22.01 4.20
CA ASN D 11 14.78 21.55 5.27
C ASN D 11 14.04 21.17 6.57
N ILE D 12 13.97 19.89 6.84
CA ILE D 12 13.38 19.45 8.06
C ILE D 12 14.49 18.72 8.79
N GLN D 13 15.74 19.11 8.53
CA GLN D 13 16.78 18.50 9.23
C GLN D 13 16.68 18.68 10.78
N LYS D 14 16.33 19.87 11.30
CA LYS D 14 16.15 20.08 12.77
C LYS D 14 15.14 19.11 13.35
N GLU D 15 14.03 18.92 12.64
CA GLU D 15 13.01 17.99 13.06
C GLU D 15 13.45 16.51 13.06
N ILE D 16 14.08 16.05 11.97
CA ILE D 16 14.65 14.73 11.85
C ILE D 16 15.53 14.50 13.04
N ASP D 17 16.30 15.52 13.41
CA ASP D 17 17.30 15.33 14.49
C ASP D 17 16.68 15.23 15.89
N ARG D 18 15.67 16.06 16.15
CA ARG D 18 14.89 16.09 17.36
C ARG D 18 14.16 14.75 17.63
N LEU D 19 13.57 14.15 16.58
CA LEU D 19 12.90 12.87 16.72
C LEU D 19 13.97 11.89 17.16
N ASN D 20 15.11 11.92 16.52
CA ASN D 20 16.17 10.97 16.84
C ASN D 20 16.70 11.16 18.36
N GLU D 21 16.68 12.42 18.75
CA GLU D 21 17.06 12.81 20.09
C GLU D 21 16.08 12.30 21.14
N VAL D 22 14.81 12.50 20.85
CA VAL D 22 13.78 12.07 21.77
C VAL D 22 13.91 10.55 21.93
N ALA D 23 14.08 9.83 20.83
CA ALA D 23 14.22 8.43 20.88
C ALA D 23 15.34 8.12 21.87
N LYS D 24 16.41 8.91 21.86
CA LYS D 24 17.57 8.65 22.75
C LYS D 24 17.19 8.98 24.22
N ASN D 25 16.52 10.11 24.39
CA ASN D 25 16.25 10.69 25.70
C ASN D 25 15.27 9.79 26.47
N LEU D 26 14.32 9.14 25.76
CA LEU D 26 13.29 8.30 26.38
C LEU D 26 13.97 7.11 27.10
N ASN D 27 15.20 6.76 26.70
CA ASN D 27 16.00 5.78 27.55
C ASN D 27 15.97 6.19 29.00
N GLU D 28 16.18 7.50 29.24
CA GLU D 28 16.11 8.13 30.60
C GLU D 28 14.68 7.95 31.30
N SER D 29 13.68 7.51 30.55
CA SER D 29 12.36 7.38 31.18
C SER D 29 12.06 5.91 31.45
N LEU D 30 12.95 5.00 31.05
CA LEU D 30 12.85 3.60 31.44
C LEU D 30 12.77 3.47 32.98
N ILE D 31 11.86 2.63 33.48
CA ILE D 31 11.80 2.35 34.91
C ILE D 31 12.85 1.29 35.30
N ASP D 32 13.59 1.59 36.35
CA ASP D 32 14.54 0.60 36.81
C ASP D 32 13.77 -0.34 37.70
N LEU D 33 13.60 -1.57 37.20
CA LEU D 33 12.87 -2.65 37.89
C LEU D 33 13.76 -3.35 38.89
N ASN E 1 2.32 -5.16 42.66
CA ASN E 1 2.59 -5.46 41.21
C ASN E 1 2.86 -4.23 40.32
N GLN E 2 3.65 -3.33 40.85
CA GLN E 2 4.17 -2.28 40.01
C GLN E 2 5.13 -2.91 38.97
N LYS E 3 5.82 -3.98 39.38
CA LYS E 3 6.83 -4.64 38.57
C LYS E 3 6.36 -4.92 37.15
N GLN E 4 5.14 -5.48 37.00
CA GLN E 4 4.65 -5.88 35.69
C GLN E 4 4.25 -4.65 34.89
N ILE E 5 3.59 -3.74 35.62
CA ILE E 5 3.17 -2.46 35.09
C ILE E 5 4.37 -1.68 34.58
N ALA E 6 5.34 -1.46 35.47
CA ALA E 6 6.64 -0.94 35.07
C ALA E 6 7.07 -1.57 33.71
N ASN E 7 7.09 -2.90 33.65
CA ASN E 7 7.54 -3.69 32.48
C ASN E 7 6.68 -3.46 31.21
N GLN E 8 5.37 -3.39 31.35
CA GLN E 8 4.45 -2.98 30.28
C GLN E 8 4.76 -1.53 29.87
N PHE E 9 5.07 -0.68 30.83
CA PHE E 9 5.44 0.68 30.42
C PHE E 9 6.77 0.64 29.63
N ASN E 10 7.77 -0.10 30.14
CA ASN E 10 9.08 -0.16 29.47
C ASN E 10 8.95 -0.78 28.06
N LYS E 11 8.22 -1.88 27.91
CA LYS E 11 7.94 -2.43 26.54
C LYS E 11 7.35 -1.45 25.57
N ALA E 12 6.33 -0.71 26.00
CA ALA E 12 5.72 0.33 25.14
C ALA E 12 6.72 1.46 24.74
N ILE E 13 7.47 2.00 25.72
CA ILE E 13 8.48 3.00 25.46
C ILE E 13 9.50 2.44 24.42
N SER E 14 9.92 1.19 24.55
CA SER E 14 10.80 0.56 23.56
C SER E 14 10.21 0.67 22.17
N GLN E 15 8.87 0.48 22.09
CA GLN E 15 8.17 0.33 20.79
C GLN E 15 8.00 1.78 20.24
N ILE E 16 7.78 2.75 21.12
CA ILE E 16 7.58 4.13 20.71
C ILE E 16 8.93 4.67 20.22
N GLN E 17 10.01 4.28 20.88
CA GLN E 17 11.30 4.73 20.47
C GLN E 17 11.59 4.23 19.05
N GLU E 18 11.24 2.98 18.79
CA GLU E 18 11.31 2.39 17.46
C GLU E 18 10.39 3.15 16.44
N SER E 19 9.22 3.63 16.84
CA SER E 19 8.40 4.35 15.84
C SER E 19 9.07 5.62 15.53
N LEU E 20 9.71 6.26 16.52
CA LEU E 20 10.27 7.57 16.28
C LEU E 20 11.44 7.55 15.28
N THR E 21 12.34 6.61 15.46
CA THR E 21 13.47 6.51 14.57
C THR E 21 13.03 6.09 13.13
N THR E 22 12.03 5.22 13.08
CA THR E 22 11.41 4.82 11.86
C THR E 22 10.80 6.01 11.16
N THR E 23 10.04 6.85 11.93
CA THR E 23 9.55 8.04 11.38
C THR E 23 10.65 9.07 10.97
N SER E 24 11.66 9.35 11.79
CA SER E 24 12.69 10.24 11.33
C SER E 24 13.40 9.70 10.02
N THR E 25 13.66 8.41 9.95
CA THR E 25 14.29 7.84 8.73
C THR E 25 13.42 8.04 7.48
N ALA E 26 12.09 7.81 7.61
CA ALA E 26 11.16 7.96 6.50
C ALA E 26 11.19 9.46 6.05
N LEU E 27 11.20 10.35 7.03
CA LEU E 27 11.24 11.80 6.77
C LEU E 27 12.52 12.27 6.02
N GLY E 28 13.60 11.70 6.46
CA GLY E 28 14.93 11.84 5.91
C GLY E 28 14.93 11.40 4.44
N LYS E 29 14.27 10.28 4.12
CA LYS E 29 14.38 9.66 2.80
C LYS E 29 13.56 10.55 1.89
N LEU E 30 12.41 11.04 2.39
CA LEU E 30 11.61 11.94 1.63
C LEU E 30 12.27 13.33 1.39
N GLN E 31 12.92 13.89 2.39
CA GLN E 31 13.58 15.16 2.16
C GLN E 31 14.71 14.98 1.07
N ASP E 32 15.39 13.86 1.14
CA ASP E 32 16.42 13.58 0.10
C ASP E 32 15.93 13.58 -1.35
N VAL E 33 14.86 12.82 -1.58
CA VAL E 33 14.29 12.67 -2.89
C VAL E 33 13.58 13.94 -3.34
N VAL E 34 12.87 14.62 -2.45
CA VAL E 34 12.25 15.87 -2.84
C VAL E 34 13.33 16.90 -3.29
N ASN E 35 14.46 16.94 -2.59
CA ASN E 35 15.50 17.88 -2.88
C ASN E 35 16.32 17.44 -4.09
N GLN E 36 16.49 16.15 -4.26
CA GLN E 36 17.10 15.62 -5.44
C GLN E 36 16.25 15.96 -6.66
N ASN E 37 14.94 15.92 -6.47
CA ASN E 37 14.00 16.16 -7.56
C ASN E 37 13.86 17.65 -7.88
N ALA E 38 14.22 18.48 -6.88
CA ALA E 38 14.17 19.91 -7.10
C ALA E 38 15.41 20.32 -7.80
N GLN E 39 16.57 19.69 -7.52
CA GLN E 39 17.81 19.97 -8.30
C GLN E 39 17.63 19.57 -9.75
N ALA E 40 17.01 18.40 -9.97
CA ALA E 40 16.73 17.89 -11.33
C ALA E 40 15.91 18.85 -12.16
N LEU E 41 14.85 19.38 -11.56
CA LEU E 41 14.01 20.36 -12.22
C LEU E 41 14.79 21.66 -12.52
N ASN E 42 15.28 22.33 -11.49
CA ASN E 42 16.10 23.52 -11.65
C ASN E 42 17.27 23.38 -12.65
N THR E 43 17.81 22.17 -12.78
CA THR E 43 18.86 21.96 -13.75
C THR E 43 18.28 21.91 -15.16
N LEU E 44 17.07 21.34 -15.28
CA LEU E 44 16.39 21.25 -16.58
C LEU E 44 15.99 22.65 -17.05
N VAL E 45 15.55 23.48 -16.10
CA VAL E 45 15.12 24.82 -16.41
C VAL E 45 16.29 25.66 -16.90
N LYS E 46 17.47 25.55 -16.27
CA LYS E 46 18.67 26.17 -16.81
C LYS E 46 19.02 25.64 -18.21
N GLN E 47 18.93 24.31 -18.37
CA GLN E 47 19.25 23.66 -19.65
C GLN E 47 18.39 24.21 -20.78
N LEU E 48 17.12 24.47 -20.48
CA LEU E 48 16.22 25.02 -21.49
C LEU E 48 16.44 26.52 -21.78
N SER E 49 16.58 27.34 -20.73
CA SER E 49 16.85 28.80 -20.95
C SER E 49 18.10 29.02 -21.87
N GLY F 4 21.61 15.29 -18.78
CA GLY F 4 21.55 13.87 -17.96
C GLY F 4 20.50 14.00 -16.81
N ILE F 5 19.22 14.10 -17.19
CA ILE F 5 18.34 14.68 -16.22
C ILE F 5 17.33 13.65 -15.76
N ASN F 6 17.39 13.35 -14.46
CA ASN F 6 16.58 12.25 -13.96
C ASN F 6 16.09 12.43 -12.55
N ALA F 7 14.81 12.20 -12.33
CA ALA F 7 14.21 12.34 -11.00
C ALA F 7 14.24 11.00 -10.28
N SER F 8 14.63 10.99 -9.03
CA SER F 8 14.63 9.75 -8.24
C SER F 8 13.25 9.46 -7.65
N VAL F 9 12.98 8.17 -7.46
CA VAL F 9 11.82 7.70 -6.75
C VAL F 9 12.25 7.45 -5.26
N VAL F 10 11.31 7.63 -4.35
CA VAL F 10 11.55 7.38 -2.91
C VAL F 10 10.92 6.05 -2.55
N ASN F 11 11.50 5.35 -1.58
CA ASN F 11 10.89 4.10 -1.15
C ASN F 11 10.97 4.04 0.35
N ILE F 12 9.84 4.36 1.02
CA ILE F 12 9.78 4.26 2.48
C ILE F 12 8.60 3.31 2.83
N GLN F 13 8.35 2.32 1.98
CA GLN F 13 7.20 1.49 2.28
C GLN F 13 7.44 0.58 3.55
N LYS F 14 8.67 0.21 3.72
CA LYS F 14 9.00 -0.50 4.91
C LYS F 14 8.80 0.26 6.21
N GLU F 15 9.10 1.60 6.23
CA GLU F 15 8.80 2.48 7.39
C GLU F 15 7.29 2.68 7.58
N ILE F 16 6.64 2.87 6.48
CA ILE F 16 5.14 2.97 6.59
C ILE F 16 4.52 1.71 7.19
N ASP F 17 4.95 0.58 6.68
CA ASP F 17 4.47 -0.71 7.18
C ASP F 17 4.86 -0.88 8.65
N ARG F 18 6.14 -0.57 9.01
CA ARG F 18 6.61 -0.67 10.40
C ARG F 18 5.75 0.10 11.37
N LEU F 19 5.31 1.34 10.99
CA LEU F 19 4.52 2.14 11.86
C LEU F 19 3.13 1.52 12.15
N ASN F 20 2.44 1.01 11.14
CA ASN F 20 1.23 0.29 11.31
C ASN F 20 1.48 -0.97 12.16
N GLU F 21 2.61 -1.62 11.98
CA GLU F 21 2.86 -2.77 12.76
C GLU F 21 3.07 -2.39 14.25
N VAL F 22 3.94 -1.40 14.53
CA VAL F 22 4.29 -1.02 15.91
C VAL F 22 2.91 -0.67 16.61
N ALA F 23 2.08 -0.01 15.89
CA ALA F 23 0.83 0.41 16.44
C ALA F 23 0.00 -0.79 16.96
N LYS F 24 -0.11 -1.90 16.16
CA LYS F 24 -0.80 -3.14 16.59
C LYS F 24 0.02 -3.79 17.71
N ASN F 25 1.33 -3.73 17.63
CA ASN F 25 2.13 -4.29 18.71
C ASN F 25 1.97 -3.64 20.07
N LEU F 26 1.77 -2.32 20.11
CA LEU F 26 1.42 -1.63 21.35
C LEU F 26 0.23 -2.25 22.06
N ASN F 27 -0.61 -3.03 21.36
CA ASN F 27 -1.75 -3.63 22.04
C ASN F 27 -1.31 -4.60 23.10
N GLU F 28 -0.16 -5.21 22.85
CA GLU F 28 0.45 -6.14 23.78
C GLU F 28 0.91 -5.45 25.07
N SER F 29 1.16 -4.14 25.05
CA SER F 29 1.60 -3.42 26.27
C SER F 29 0.43 -2.83 27.05
N LEU F 30 -0.81 -2.93 26.55
CA LEU F 30 -1.90 -2.43 27.35
C LEU F 30 -2.02 -3.26 28.66
N ILE F 31 -2.20 -2.56 29.78
CA ILE F 31 -2.40 -3.16 31.12
C ILE F 31 -3.82 -3.67 31.31
N ASP F 32 -3.91 -4.95 31.69
CA ASP F 32 -5.17 -5.59 32.00
C ASP F 32 -5.58 -5.13 33.40
N LEU F 33 -6.59 -4.27 33.49
CA LEU F 33 -7.20 -4.02 34.81
C LEU F 33 -8.44 -4.89 34.98
N ASN G 1 -13.45 -14.02 24.07
CA ASN G 1 -13.94 -15.42 24.03
C ASN G 1 -13.49 -16.24 22.79
N GLN G 2 -13.35 -17.57 22.94
CA GLN G 2 -12.82 -18.42 21.90
C GLN G 2 -13.76 -18.49 20.71
N LYS G 3 -15.06 -18.67 20.99
CA LYS G 3 -16.07 -18.71 19.95
C LYS G 3 -16.25 -17.38 19.21
N GLN G 4 -16.01 -16.29 19.94
CA GLN G 4 -16.16 -14.98 19.37
C GLN G 4 -14.99 -14.76 18.41
N ILE G 5 -13.77 -15.22 18.78
CA ILE G 5 -12.63 -15.20 17.84
C ILE G 5 -12.89 -16.05 16.57
N ALA G 6 -13.19 -17.33 16.78
CA ALA G 6 -13.41 -18.33 15.76
C ALA G 6 -14.49 -17.94 14.78
N ASN G 7 -15.59 -17.38 15.30
CA ASN G 7 -16.63 -16.86 14.48
C ASN G 7 -16.25 -15.73 13.49
N GLN G 8 -15.46 -14.79 13.99
CA GLN G 8 -15.01 -13.64 13.19
C GLN G 8 -14.11 -14.14 12.10
N PHE G 9 -13.24 -15.09 12.46
CA PHE G 9 -12.38 -15.75 11.52
C PHE G 9 -13.06 -16.53 10.39
N ASN G 10 -14.02 -17.40 10.77
CA ASN G 10 -14.80 -18.18 9.81
C ASN G 10 -15.54 -17.22 8.86
N LYS G 11 -16.14 -16.18 9.41
CA LYS G 11 -16.70 -15.14 8.58
C LYS G 11 -15.64 -14.54 7.59
N ALA G 12 -14.49 -14.09 8.11
CA ALA G 12 -13.48 -13.51 7.27
C ALA G 12 -13.04 -14.51 6.22
N ILE G 13 -12.95 -15.80 6.54
CA ILE G 13 -12.37 -16.78 5.57
C ILE G 13 -13.41 -16.89 4.45
N SER G 14 -14.70 -16.86 4.83
CA SER G 14 -15.75 -16.88 3.78
C SER G 14 -15.67 -15.69 2.78
N GLN G 15 -15.39 -14.49 3.26
CA GLN G 15 -15.31 -13.31 2.33
C GLN G 15 -14.05 -13.43 1.51
N ILE G 16 -12.98 -13.88 2.16
CA ILE G 16 -11.73 -14.14 1.41
C ILE G 16 -11.94 -15.20 0.32
N GLN G 17 -12.46 -16.36 0.62
CA GLN G 17 -12.76 -17.31 -0.46
C GLN G 17 -13.48 -16.64 -1.63
N GLU G 18 -14.59 -15.93 -1.38
CA GLU G 18 -15.29 -15.21 -2.46
C GLU G 18 -14.41 -14.17 -3.18
N SER G 19 -13.42 -13.57 -2.51
CA SER G 19 -12.52 -12.61 -3.18
C SER G 19 -11.55 -13.35 -4.13
N LEU G 20 -11.17 -14.57 -3.81
CA LEU G 20 -10.30 -15.35 -4.68
C LEU G 20 -11.03 -15.83 -5.95
N THR G 21 -12.23 -16.36 -5.79
CA THR G 21 -13.02 -16.85 -6.95
C THR G 21 -13.35 -15.64 -7.83
N THR G 22 -13.71 -14.48 -7.20
CA THR G 22 -13.95 -13.23 -7.94
C THR G 22 -12.66 -12.80 -8.78
N THR G 23 -11.51 -12.75 -8.11
CA THR G 23 -10.23 -12.44 -8.78
C THR G 23 -10.02 -13.45 -9.89
N SER G 24 -10.06 -14.79 -9.59
CA SER G 24 -9.91 -15.82 -10.65
C SER G 24 -10.82 -15.53 -11.91
N THR G 25 -12.07 -15.13 -11.66
CA THR G 25 -12.98 -14.91 -12.72
C THR G 25 -12.50 -13.71 -13.52
N ALA G 26 -12.06 -12.65 -12.85
CA ALA G 26 -11.67 -11.40 -13.58
C ALA G 26 -10.43 -11.66 -14.41
N LEU G 27 -9.46 -12.38 -13.86
CA LEU G 27 -8.33 -12.81 -14.64
C LEU G 27 -8.63 -13.66 -15.86
N GLY G 28 -9.58 -14.59 -15.75
CA GLY G 28 -10.02 -15.46 -16.83
C GLY G 28 -10.61 -14.56 -17.91
N LYS G 29 -11.42 -13.61 -17.50
CA LYS G 29 -11.98 -12.71 -18.54
C LYS G 29 -10.96 -11.80 -19.28
N LEU G 30 -9.97 -11.30 -18.52
CA LEU G 30 -8.93 -10.54 -19.09
C LEU G 30 -8.06 -11.46 -20.01
N GLN G 31 -7.74 -12.66 -19.59
CA GLN G 31 -6.95 -13.54 -20.44
C GLN G 31 -7.73 -13.79 -21.77
N ASP G 32 -9.03 -13.97 -21.70
CA ASP G 32 -9.79 -14.30 -22.91
C ASP G 32 -9.73 -13.17 -23.96
N VAL G 33 -9.99 -11.98 -23.47
CA VAL G 33 -10.04 -10.78 -24.35
C VAL G 33 -8.68 -10.42 -24.87
N VAL G 34 -7.69 -10.50 -23.99
CA VAL G 34 -6.36 -10.29 -24.43
C VAL G 34 -5.92 -11.22 -25.62
N ASN G 35 -6.26 -12.50 -25.51
CA ASN G 35 -5.89 -13.47 -26.51
C ASN G 35 -6.76 -13.28 -27.76
N GLN G 36 -8.00 -12.96 -27.54
CA GLN G 36 -8.85 -12.65 -28.71
C GLN G 36 -8.20 -11.54 -29.50
N ASN G 37 -7.81 -10.48 -28.79
CA ASN G 37 -7.22 -9.35 -29.47
C ASN G 37 -5.83 -9.61 -30.03
N ALA G 38 -5.07 -10.47 -29.41
CA ALA G 38 -3.74 -10.84 -30.01
C ALA G 38 -4.02 -11.56 -31.38
N GLN G 39 -5.01 -12.42 -31.39
CA GLN G 39 -5.46 -13.14 -32.58
C GLN G 39 -5.92 -12.15 -33.67
N ALA G 40 -6.73 -11.15 -33.30
CA ALA G 40 -7.21 -10.14 -34.25
C ALA G 40 -6.05 -9.39 -34.84
N LEU G 41 -5.06 -9.10 -34.00
CA LEU G 41 -3.92 -8.33 -34.46
C LEU G 41 -3.04 -9.19 -35.42
N ASN G 42 -2.88 -10.48 -35.10
CA ASN G 42 -2.17 -11.41 -35.90
C ASN G 42 -2.87 -11.68 -37.24
N THR G 43 -4.18 -11.68 -37.22
CA THR G 43 -4.90 -11.83 -38.43
C THR G 43 -4.72 -10.60 -39.28
N LEU G 44 -4.65 -9.42 -38.71
CA LEU G 44 -4.55 -8.23 -39.56
C LEU G 44 -3.20 -8.27 -40.27
N VAL G 45 -2.18 -8.57 -39.45
CA VAL G 45 -0.84 -8.66 -40.02
C VAL G 45 -0.90 -9.66 -41.20
N LYS G 46 -1.55 -10.81 -41.00
CA LYS G 46 -1.54 -11.87 -42.00
C LYS G 46 -2.17 -11.34 -43.29
N GLN G 47 -3.31 -10.69 -43.11
CA GLN G 47 -4.08 -10.17 -44.21
C GLN G 47 -3.34 -9.08 -44.99
N LEU G 48 -2.77 -8.13 -44.24
CA LEU G 48 -1.88 -7.13 -44.82
C LEU G 48 -0.71 -7.80 -45.60
N SER G 49 -0.24 -8.98 -45.17
CA SER G 49 0.92 -9.56 -45.86
C SER G 49 0.54 -10.28 -47.19
N SER G 50 -0.76 -10.53 -47.44
CA SER G 50 -1.21 -11.45 -48.50
C SER G 50 -2.16 -10.86 -49.54
N ASP H 1 -8.56 -8.40 -48.95
CA ASP H 1 -7.66 -7.57 -47.89
C ASP H 1 -8.35 -6.32 -47.78
N ILE H 2 -8.95 -5.90 -46.63
CA ILE H 2 -8.92 -6.42 -45.25
C ILE H 2 -10.38 -6.67 -44.81
N SER H 3 -10.65 -7.74 -44.06
CA SER H 3 -12.00 -8.06 -43.59
C SER H 3 -12.08 -9.11 -42.46
N GLY H 4 -13.22 -9.12 -41.82
CA GLY H 4 -13.50 -10.10 -40.79
C GLY H 4 -12.73 -9.92 -39.51
N ILE H 5 -12.29 -8.69 -39.18
CA ILE H 5 -11.43 -8.49 -38.00
C ILE H 5 -12.02 -7.50 -36.94
N ASN H 6 -12.18 -7.95 -35.70
CA ASN H 6 -12.76 -7.06 -34.65
C ASN H 6 -12.13 -7.40 -33.31
N ALA H 7 -11.68 -6.40 -32.55
CA ALA H 7 -11.10 -6.62 -31.20
C ALA H 7 -12.23 -6.55 -30.21
N SER H 8 -12.23 -7.45 -29.26
CA SER H 8 -13.32 -7.52 -28.33
C SER H 8 -13.00 -6.61 -27.15
N VAL H 9 -14.03 -6.19 -26.44
CA VAL H 9 -13.80 -5.36 -25.23
C VAL H 9 -13.95 -6.25 -23.96
N VAL H 10 -13.26 -5.94 -22.86
CA VAL H 10 -13.44 -6.81 -21.67
C VAL H 10 -14.37 -6.04 -20.67
N ASN H 11 -15.05 -6.77 -19.82
CA ASN H 11 -15.87 -5.98 -18.80
C ASN H 11 -15.75 -6.75 -17.47
N ILE H 12 -14.96 -6.23 -16.56
CA ILE H 12 -14.77 -6.90 -15.27
C ILE H 12 -15.08 -5.95 -14.15
N GLN H 13 -16.02 -5.01 -14.36
CA GLN H 13 -16.26 -4.00 -13.43
C GLN H 13 -16.99 -4.60 -12.23
N LYS H 14 -17.88 -5.57 -12.49
CA LYS H 14 -18.56 -6.26 -11.42
C LYS H 14 -17.62 -7.02 -10.50
N GLU H 15 -16.59 -7.66 -11.05
CA GLU H 15 -15.56 -8.20 -10.18
C GLU H 15 -14.78 -7.16 -9.38
N ILE H 16 -14.47 -6.03 -10.02
CA ILE H 16 -13.56 -5.07 -9.38
C ILE H 16 -14.37 -4.49 -8.25
N ASP H 17 -15.65 -4.17 -8.52
CA ASP H 17 -16.53 -3.68 -7.45
C ASP H 17 -16.68 -4.67 -6.29
N ARG H 18 -16.88 -5.93 -6.57
CA ARG H 18 -17.11 -6.89 -5.52
C ARG H 18 -15.85 -6.95 -4.63
N LEU H 19 -14.70 -6.82 -5.22
CA LEU H 19 -13.46 -6.87 -4.42
C LEU H 19 -13.41 -5.67 -3.51
N ASN H 20 -13.83 -4.48 -3.96
CA ASN H 20 -13.69 -3.33 -3.11
C ASN H 20 -14.72 -3.48 -2.00
N GLU H 21 -15.86 -4.08 -2.34
CA GLU H 21 -16.90 -4.33 -1.37
C GLU H 21 -16.46 -5.38 -0.29
N VAL H 22 -15.80 -6.43 -0.72
CA VAL H 22 -15.24 -7.38 0.26
C VAL H 22 -14.23 -6.68 1.19
N ALA H 23 -13.34 -5.89 0.64
CA ALA H 23 -12.37 -5.16 1.48
C ALA H 23 -13.08 -4.27 2.57
N LYS H 24 -14.16 -3.56 2.20
CA LYS H 24 -14.96 -2.74 3.15
C LYS H 24 -15.70 -3.62 4.21
N ASN H 25 -16.34 -4.69 3.72
CA ASN H 25 -17.04 -5.69 4.54
C ASN H 25 -16.16 -6.36 5.57
N LEU H 26 -14.84 -6.53 5.30
CA LEU H 26 -14.01 -7.25 6.23
C LEU H 26 -13.80 -6.42 7.50
N ASN H 27 -14.05 -5.10 7.42
CA ASN H 27 -14.15 -4.36 8.69
C ASN H 27 -15.12 -5.01 9.68
N GLU H 28 -16.16 -5.65 9.18
CA GLU H 28 -17.09 -6.29 10.12
C GLU H 28 -16.46 -7.54 10.85
N SER H 29 -15.35 -8.04 10.35
CA SER H 29 -14.75 -9.28 10.86
C SER H 29 -13.66 -8.99 11.90
N LEU H 30 -13.36 -7.71 12.09
CA LEU H 30 -12.30 -7.32 12.96
C LEU H 30 -12.70 -7.56 14.45
N ILE H 31 -11.75 -7.89 15.32
CA ILE H 31 -12.08 -8.16 16.73
C ILE H 31 -11.66 -7.04 17.69
N ASP H 32 -12.61 -6.60 18.52
CA ASP H 32 -12.35 -5.54 19.51
C ASP H 32 -11.63 -6.27 20.62
N LEU H 33 -10.26 -6.18 20.64
CA LEU H 33 -9.54 -6.84 21.75
C LEU H 33 -10.12 -6.63 23.20
N GLN H 34 -10.98 -5.62 23.42
CA GLN H 34 -11.36 -5.21 24.81
C GLN H 34 -12.63 -5.82 25.42
N ASN I 1 -2.94 -17.07 24.62
CA ASN I 1 -3.45 -15.72 25.00
C ASN I 1 -4.46 -15.34 23.93
N GLN I 2 -5.75 -15.27 24.29
CA GLN I 2 -6.78 -14.96 23.29
C GLN I 2 -6.52 -13.56 22.67
N LYS I 3 -6.17 -12.58 23.50
CA LYS I 3 -5.93 -11.24 23.00
C LYS I 3 -4.82 -11.20 21.99
N GLN I 4 -3.81 -12.07 22.13
CA GLN I 4 -2.73 -12.13 21.15
C GLN I 4 -3.14 -12.80 19.82
N ILE I 5 -3.96 -13.88 19.91
CA ILE I 5 -4.46 -14.54 18.70
C ILE I 5 -5.28 -13.47 17.98
N ALA I 6 -6.13 -12.75 18.70
CA ALA I 6 -7.06 -11.84 18.05
C ALA I 6 -6.32 -10.65 17.42
N ASN I 7 -5.12 -10.32 18.01
CA ASN I 7 -4.33 -9.15 17.60
C ASN I 7 -3.65 -9.47 16.28
N GLN I 8 -3.14 -10.74 16.21
CA GLN I 8 -2.56 -11.28 15.00
C GLN I 8 -3.55 -11.40 13.88
N PHE I 9 -4.72 -11.97 14.16
CA PHE I 9 -5.83 -11.92 13.21
C PHE I 9 -6.15 -10.48 12.68
N ASN I 10 -6.39 -9.48 13.55
CA ASN I 10 -6.52 -8.09 13.14
C ASN I 10 -5.45 -7.54 12.23
N LYS I 11 -4.18 -7.87 12.51
CA LYS I 11 -3.05 -7.39 11.73
C LYS I 11 -3.27 -8.02 10.32
N ALA I 12 -3.44 -9.34 10.28
CA ALA I 12 -3.68 -10.05 9.01
C ALA I 12 -4.85 -9.54 8.18
N ILE I 13 -6.01 -9.29 8.82
CA ILE I 13 -7.12 -8.78 8.04
C ILE I 13 -6.80 -7.39 7.39
N SER I 14 -6.24 -6.45 8.16
CA SER I 14 -5.80 -5.16 7.60
C SER I 14 -4.95 -5.34 6.34
N GLN I 15 -4.07 -6.31 6.34
CA GLN I 15 -3.12 -6.47 5.24
C GLN I 15 -3.87 -7.04 4.06
N ILE I 16 -4.77 -7.96 4.33
CA ILE I 16 -5.61 -8.57 3.32
C ILE I 16 -6.53 -7.54 2.66
N GLN I 17 -7.19 -6.68 3.46
CA GLN I 17 -7.92 -5.57 2.90
C GLN I 17 -7.11 -4.75 1.92
N GLU I 18 -5.88 -4.39 2.30
CA GLU I 18 -5.04 -3.64 1.35
C GLU I 18 -4.67 -4.40 0.08
N SER I 19 -4.48 -5.70 0.18
CA SER I 19 -4.19 -6.56 -0.96
C SER I 19 -5.43 -6.69 -1.92
N LEU I 20 -6.69 -6.64 -1.42
CA LEU I 20 -7.86 -6.63 -2.23
C LEU I 20 -8.01 -5.32 -3.05
N THR I 21 -7.79 -4.17 -2.39
CA THR I 21 -7.89 -2.90 -3.10
C THR I 21 -6.70 -2.71 -4.04
N THR I 22 -5.55 -3.30 -3.70
CA THR I 22 -4.37 -3.31 -4.64
C THR I 22 -4.73 -4.15 -5.90
N THR I 23 -5.38 -5.29 -5.68
CA THR I 23 -5.81 -6.17 -6.76
C THR I 23 -6.91 -5.50 -7.59
N SER I 24 -7.89 -4.92 -6.90
CA SER I 24 -8.88 -4.25 -7.60
C SER I 24 -8.26 -3.15 -8.56
N THR I 25 -7.34 -2.39 -8.04
CA THR I 25 -6.83 -1.21 -8.79
C THR I 25 -6.13 -1.76 -10.00
N ALA I 26 -5.35 -2.84 -9.81
CA ALA I 26 -4.52 -3.37 -10.82
C ALA I 26 -5.39 -3.97 -11.99
N LEU I 27 -6.55 -4.48 -11.62
CA LEU I 27 -7.44 -5.08 -12.52
C LEU I 27 -8.03 -3.93 -13.31
N GLY I 28 -8.41 -2.84 -12.63
CA GLY I 28 -9.06 -1.69 -13.31
C GLY I 28 -8.17 -1.07 -14.40
N LYS I 29 -6.87 -1.05 -14.11
CA LYS I 29 -5.89 -0.45 -14.99
C LYS I 29 -5.69 -1.32 -16.22
N LEU I 30 -5.81 -2.63 -16.02
CA LEU I 30 -5.70 -3.53 -17.16
C LEU I 30 -6.94 -3.42 -17.98
N GLN I 31 -8.07 -3.59 -17.35
CA GLN I 31 -9.35 -3.36 -18.02
C GLN I 31 -9.25 -2.09 -18.95
N ASP I 32 -8.61 -1.05 -18.44
CA ASP I 32 -8.72 0.28 -19.11
C ASP I 32 -7.86 0.23 -20.39
N VAL I 33 -6.65 -0.23 -20.23
CA VAL I 33 -5.72 -0.34 -21.34
C VAL I 33 -6.13 -1.38 -22.39
N VAL I 34 -6.62 -2.54 -21.93
CA VAL I 34 -7.01 -3.58 -22.88
C VAL I 34 -8.07 -2.94 -23.75
N ASN I 35 -8.98 -2.20 -23.13
CA ASN I 35 -10.12 -1.67 -23.86
C ASN I 35 -9.71 -0.47 -24.77
N GLN I 36 -8.84 0.39 -24.25
CA GLN I 36 -8.17 1.39 -25.07
C GLN I 36 -7.47 0.76 -26.31
N ASN I 37 -6.74 -0.35 -26.13
CA ASN I 37 -5.93 -0.93 -27.23
C ASN I 37 -6.87 -1.62 -28.27
N ALA I 38 -8.02 -2.12 -27.80
CA ALA I 38 -8.99 -2.75 -28.68
C ALA I 38 -9.67 -1.65 -29.56
N GLN I 39 -9.96 -0.51 -28.98
CA GLN I 39 -10.51 0.59 -29.79
C GLN I 39 -9.53 1.18 -30.81
N ALA I 40 -8.26 1.33 -30.44
CA ALA I 40 -7.15 1.61 -31.40
C ALA I 40 -7.09 0.59 -32.54
N LEU I 41 -7.14 -0.70 -32.20
CA LEU I 41 -7.07 -1.77 -33.19
C LEU I 41 -8.32 -1.75 -34.10
N ASN I 42 -9.50 -1.51 -33.54
CA ASN I 42 -10.69 -1.47 -34.38
C ASN I 42 -10.72 -0.23 -35.30
N THR I 43 -10.14 0.85 -34.80
CA THR I 43 -9.91 2.05 -35.62
C THR I 43 -8.89 1.82 -36.76
N LEU I 44 -7.80 1.09 -36.46
CA LEU I 44 -6.79 0.78 -37.44
C LEU I 44 -7.43 -0.02 -38.58
N VAL I 45 -8.25 -1.01 -38.19
CA VAL I 45 -8.87 -1.97 -39.14
C VAL I 45 -9.78 -1.17 -40.08
N LYS I 46 -10.50 -0.21 -39.48
CA LYS I 46 -11.56 0.56 -40.12
C LYS I 46 -10.94 1.44 -41.21
N GLN I 47 -9.92 2.19 -40.79
CA GLN I 47 -9.19 3.06 -41.73
C GLN I 47 -8.50 2.22 -42.83
N LEU I 48 -7.94 1.08 -42.46
CA LEU I 48 -7.13 0.28 -43.38
C LEU I 48 -8.08 -0.33 -44.36
N SER I 49 -9.29 -0.49 -43.86
CA SER I 49 -10.45 -0.78 -44.68
C SER I 49 -10.91 0.55 -45.29
N GLY J 4 -2.98 8.75 -36.71
CA GLY J 4 -2.80 9.23 -35.30
C GLY J 4 -3.01 8.15 -34.25
N ILE J 5 -3.45 6.98 -34.69
CA ILE J 5 -3.76 5.85 -33.81
C ILE J 5 -2.59 5.52 -32.88
N ASN J 6 -2.85 5.37 -31.57
CA ASN J 6 -1.84 4.94 -30.54
C ASN J 6 -2.31 3.90 -29.47
N ALA J 7 -1.53 2.86 -29.21
CA ALA J 7 -1.97 1.89 -28.21
C ALA J 7 -1.36 2.36 -26.91
N SER J 8 -2.15 2.37 -25.84
CA SER J 8 -1.60 2.73 -24.52
C SER J 8 -0.81 1.57 -23.97
N VAL J 9 0.12 1.89 -23.10
CA VAL J 9 0.85 0.89 -22.34
C VAL J 9 0.29 0.84 -20.89
N VAL J 10 0.27 -0.30 -20.20
CA VAL J 10 -0.15 -0.29 -18.76
C VAL J 10 1.05 -0.35 -17.77
N ASN J 11 0.88 0.26 -16.61
CA ASN J 11 1.92 0.21 -15.59
C ASN J 11 1.28 -0.16 -14.29
N ILE J 12 1.46 -1.42 -13.90
CA ILE J 12 0.88 -1.99 -12.63
C ILE J 12 1.95 -2.64 -11.80
N GLN J 13 3.19 -2.19 -12.03
CA GLN J 13 4.32 -2.66 -11.31
C GLN J 13 4.26 -2.38 -9.83
N LYS J 14 3.76 -1.23 -9.44
CA LYS J 14 3.52 -0.93 -8.01
C LYS J 14 2.61 -1.99 -7.36
N GLU J 15 1.47 -2.26 -7.99
CA GLU J 15 0.46 -3.15 -7.39
C GLU J 15 1.03 -4.60 -7.35
N ILE J 16 1.72 -5.00 -8.40
CA ILE J 16 2.21 -6.39 -8.47
C ILE J 16 3.30 -6.54 -7.33
N ASP J 17 4.18 -5.54 -7.25
CA ASP J 17 5.17 -5.43 -6.16
C ASP J 17 4.51 -5.40 -4.78
N ARG J 18 3.43 -4.62 -4.60
CA ARG J 18 2.72 -4.57 -3.36
C ARG J 18 2.16 -5.88 -2.93
N LEU J 19 1.69 -6.71 -3.85
CA LEU J 19 0.92 -7.87 -3.43
C LEU J 19 2.03 -8.82 -2.93
N ASN J 20 3.21 -8.73 -3.52
CA ASN J 20 4.36 -9.55 -2.99
C ASN J 20 4.85 -9.15 -1.62
N GLU J 21 4.85 -7.83 -1.36
CA GLU J 21 5.29 -7.34 -0.10
C GLU J 21 4.25 -7.76 0.92
N VAL J 22 2.97 -7.65 0.60
CA VAL J 22 1.94 -7.98 1.59
C VAL J 22 1.96 -9.45 1.98
N ALA J 23 2.30 -10.35 1.01
CA ALA J 23 2.48 -11.79 1.25
C ALA J 23 3.67 -12.08 2.19
N LYS J 24 4.70 -11.29 2.07
CA LYS J 24 5.77 -11.37 3.03
C LYS J 24 5.41 -10.82 4.40
N ASN J 25 4.77 -9.66 4.46
CA ASN J 25 4.39 -9.08 5.74
C ASN J 25 3.43 -9.97 6.48
N LEU J 26 2.64 -10.81 5.76
CA LEU J 26 1.76 -11.75 6.48
C LEU J 26 2.52 -12.70 7.37
N ASN J 27 3.81 -12.90 7.11
CA ASN J 27 4.64 -13.60 8.13
C ASN J 27 4.58 -13.05 9.52
N GLU J 28 4.48 -11.72 9.65
CA GLU J 28 4.44 -11.00 10.96
C GLU J 28 3.10 -11.22 11.70
N SER J 29 2.11 -11.82 11.05
CA SER J 29 0.82 -12.04 11.75
C SER J 29 0.63 -13.54 12.16
N LEU J 30 1.55 -14.40 11.75
CA LEU J 30 1.45 -15.84 12.13
C LEU J 30 1.53 -16.04 13.66
N ILE J 31 0.91 -17.13 14.16
CA ILE J 31 0.92 -17.42 15.60
C ILE J 31 1.95 -18.44 15.97
N ASP J 32 2.81 -17.96 16.88
CA ASP J 32 3.67 -18.86 17.60
C ASP J 32 2.84 -19.83 18.42
N LEU J 33 2.94 -21.11 18.09
CA LEU J 33 2.17 -22.07 18.83
C LEU J 33 3.00 -22.55 20.02
N ASN K 1 -7.71 -26.08 22.65
CA ASN K 1 -8.01 -25.67 21.27
C ASN K 1 -7.55 -24.22 20.94
N GLN K 2 -7.02 -23.43 21.88
CA GLN K 2 -6.31 -22.23 21.42
C GLN K 2 -5.17 -22.65 20.44
N LYS K 3 -4.47 -23.75 20.72
CA LYS K 3 -3.42 -24.28 19.81
C LYS K 3 -4.05 -24.66 18.46
N GLN K 4 -5.22 -25.28 18.52
CA GLN K 4 -5.90 -25.71 17.31
C GLN K 4 -6.33 -24.54 16.45
N ILE K 5 -6.99 -23.56 17.07
CA ILE K 5 -7.48 -22.40 16.35
C ILE K 5 -6.25 -21.62 15.72
N ALA K 6 -5.13 -21.55 16.42
CA ALA K 6 -3.98 -20.81 15.89
C ALA K 6 -3.40 -21.60 14.73
N ASN K 7 -3.46 -22.95 14.82
CA ASN K 7 -2.94 -23.85 13.75
C ASN K 7 -3.83 -23.57 12.56
N GLN K 8 -5.15 -23.46 12.81
CA GLN K 8 -6.13 -23.25 11.73
C GLN K 8 -5.83 -21.87 11.09
N PHE K 9 -5.62 -20.89 11.93
CA PHE K 9 -5.33 -19.55 11.44
C PHE K 9 -4.06 -19.58 10.57
N ASN K 10 -2.97 -20.24 11.07
CA ASN K 10 -1.63 -20.34 10.41
C ASN K 10 -1.69 -21.03 9.05
N LYS K 11 -2.38 -22.18 8.99
CA LYS K 11 -2.86 -22.76 7.73
C LYS K 11 -3.43 -21.85 6.67
N ALA K 12 -4.47 -21.13 7.05
CA ALA K 12 -5.19 -20.19 6.19
C ALA K 12 -4.30 -19.02 5.74
N ILE K 13 -3.49 -18.46 6.67
CA ILE K 13 -2.53 -17.42 6.28
C ILE K 13 -1.56 -17.99 5.21
N SER K 14 -1.02 -19.21 5.40
CA SER K 14 -0.14 -19.79 4.37
C SER K 14 -0.77 -19.90 2.99
N GLN K 15 -2.08 -20.26 2.95
CA GLN K 15 -2.80 -20.38 1.67
C GLN K 15 -3.10 -19.01 1.12
N ILE K 16 -3.40 -18.05 1.98
CA ILE K 16 -3.54 -16.69 1.52
C ILE K 16 -2.25 -16.07 0.97
N GLN K 17 -1.14 -16.33 1.62
CA GLN K 17 0.11 -15.87 1.11
C GLN K 17 0.32 -16.39 -0.27
N GLU K 18 -0.03 -17.67 -0.47
CA GLU K 18 0.19 -18.26 -1.74
C GLU K 18 -0.78 -17.65 -2.81
N SER K 19 -2.02 -17.25 -2.46
CA SER K 19 -3.00 -16.68 -3.43
C SER K 19 -2.57 -15.24 -3.83
N LEU K 20 -1.93 -14.57 -2.89
CA LEU K 20 -1.30 -13.32 -3.16
C LEU K 20 -0.14 -13.39 -4.19
N THR K 21 0.90 -14.17 -3.94
CA THR K 21 1.92 -14.32 -4.99
C THR K 21 1.43 -14.90 -6.36
N THR K 22 0.56 -15.88 -6.34
CA THR K 22 -0.21 -16.31 -7.53
C THR K 22 -0.87 -15.18 -8.32
N THR K 23 -1.79 -14.39 -7.65
CA THR K 23 -2.37 -13.14 -8.21
C THR K 23 -1.27 -12.22 -8.82
N SER K 24 -0.24 -11.87 -8.05
CA SER K 24 0.73 -10.94 -8.53
C SER K 24 1.43 -11.52 -9.77
N THR K 25 1.77 -12.84 -9.74
CA THR K 25 2.37 -13.46 -10.94
C THR K 25 1.42 -13.38 -12.15
N ALA K 26 0.09 -13.71 -11.99
CA ALA K 26 -0.83 -13.57 -13.08
C ALA K 26 -0.91 -12.09 -13.60
N LEU K 27 -0.92 -11.10 -12.68
CA LEU K 27 -0.90 -9.74 -13.08
C LEU K 27 0.35 -9.31 -13.87
N GLY K 28 1.48 -9.84 -13.48
CA GLY K 28 2.76 -9.75 -14.15
C GLY K 28 2.69 -10.12 -15.60
N LYS K 29 2.22 -11.33 -15.81
CA LYS K 29 2.03 -11.90 -17.14
C LYS K 29 1.02 -11.18 -17.99
N LEU K 30 -0.15 -10.80 -17.43
CA LEU K 30 -1.05 -9.90 -18.15
C LEU K 30 -0.36 -8.57 -18.60
N GLN K 31 0.29 -7.88 -17.67
CA GLN K 31 1.12 -6.73 -17.95
C GLN K 31 2.01 -6.90 -19.19
N ASP K 32 2.79 -7.96 -19.16
CA ASP K 32 3.84 -8.17 -20.09
C ASP K 32 3.23 -8.38 -21.50
N VAL K 33 2.17 -9.16 -21.59
CA VAL K 33 1.58 -9.40 -22.88
C VAL K 33 0.81 -8.15 -23.36
N VAL K 34 -0.06 -7.56 -22.51
CA VAL K 34 -0.70 -6.33 -22.91
C VAL K 34 0.32 -5.31 -23.48
N ASN K 35 1.47 -5.18 -22.82
CA ASN K 35 2.47 -4.19 -23.25
C ASN K 35 3.22 -4.66 -24.52
N GLN K 36 3.53 -5.92 -24.61
CA GLN K 36 4.05 -6.49 -25.86
C GLN K 36 3.08 -6.22 -27.05
N ASN K 37 1.80 -6.53 -26.86
CA ASN K 37 0.77 -6.28 -27.93
C ASN K 37 0.50 -4.80 -28.31
N ALA K 38 0.54 -3.88 -27.32
CA ALA K 38 0.50 -2.44 -27.50
C ALA K 38 1.68 -2.01 -28.41
N GLN K 39 2.88 -2.48 -28.07
CA GLN K 39 4.13 -2.21 -28.88
C GLN K 39 4.03 -2.79 -30.30
N ALA K 40 3.50 -3.98 -30.45
CA ALA K 40 3.30 -4.51 -31.85
C ALA K 40 2.30 -3.66 -32.58
N LEU K 41 1.23 -3.27 -31.92
CA LEU K 41 0.26 -2.44 -32.64
C LEU K 41 0.97 -1.13 -33.00
N ASN K 42 1.71 -0.56 -32.06
CA ASN K 42 2.41 0.69 -32.33
C ASN K 42 3.42 0.57 -33.48
N THR K 43 4.21 -0.49 -33.49
CA THR K 43 5.11 -0.70 -34.61
C THR K 43 4.32 -0.94 -35.92
N LEU K 44 3.13 -1.55 -35.87
CA LEU K 44 2.35 -1.79 -37.10
C LEU K 44 1.91 -0.47 -37.73
N VAL K 45 1.24 0.35 -36.94
CA VAL K 45 0.92 1.70 -37.39
C VAL K 45 2.15 2.51 -37.91
N LYS K 46 3.28 2.48 -37.20
CA LYS K 46 4.51 3.18 -37.65
C LYS K 46 4.91 2.78 -39.07
N GLN K 47 4.88 1.48 -39.33
CA GLN K 47 5.25 0.97 -40.68
C GLN K 47 4.21 1.25 -41.76
N LEU K 48 2.92 1.28 -41.39
CA LEU K 48 1.89 1.65 -42.38
C LEU K 48 1.81 3.17 -42.61
N SER K 49 2.49 3.90 -41.75
CA SER K 49 2.52 5.34 -41.86
C SER K 49 3.83 5.86 -42.51
N SER K 50 4.92 5.09 -42.42
CA SER K 50 6.24 5.44 -42.98
C SER K 50 6.98 4.23 -43.60
N SER L 3 6.11 -5.36 -41.97
CA SER L 3 7.41 -6.06 -41.71
C SER L 3 7.25 -7.22 -40.72
N GLY L 4 7.96 -7.20 -39.58
CA GLY L 4 8.06 -8.35 -38.64
C GLY L 4 7.25 -8.41 -37.35
N ILE L 5 5.93 -8.34 -37.47
CA ILE L 5 5.08 -8.02 -36.30
C ILE L 5 4.24 -9.19 -35.76
N ASN L 6 4.37 -9.48 -34.48
CA ASN L 6 3.60 -10.58 -33.90
C ASN L 6 3.01 -10.24 -32.52
N ALA L 7 1.70 -10.46 -32.29
CA ALA L 7 1.18 -10.31 -30.92
C ALA L 7 1.23 -11.61 -30.13
N SER L 8 1.76 -11.57 -28.91
CA SER L 8 1.94 -12.75 -28.07
C SER L 8 0.60 -13.07 -27.41
N VAL L 9 0.46 -14.29 -26.94
CA VAL L 9 -0.71 -14.65 -26.18
C VAL L 9 -0.31 -14.90 -24.71
N VAL L 10 -1.28 -14.73 -23.83
CA VAL L 10 -1.02 -14.92 -22.37
C VAL L 10 -1.57 -16.32 -22.03
N ASN L 11 -0.86 -16.98 -21.17
CA ASN L 11 -1.35 -18.24 -20.61
C ASN L 11 -1.26 -18.05 -19.10
N ILE L 12 -2.35 -17.71 -18.44
CA ILE L 12 -2.33 -17.60 -16.96
C ILE L 12 -3.32 -18.60 -16.32
N GLN L 13 -3.69 -19.62 -17.10
CA GLN L 13 -4.60 -20.67 -16.65
C GLN L 13 -4.11 -21.34 -15.37
N LYS L 14 -2.81 -21.62 -15.24
CA LYS L 14 -2.35 -22.21 -13.97
C LYS L 14 -2.72 -21.33 -12.75
N GLU L 15 -2.60 -20.00 -12.90
CA GLU L 15 -2.87 -19.05 -11.77
C GLU L 15 -4.43 -18.93 -11.57
N ILE L 16 -5.23 -18.85 -12.66
CA ILE L 16 -6.67 -18.83 -12.51
C ILE L 16 -7.19 -20.06 -11.75
N ASP L 17 -6.75 -21.24 -12.17
CA ASP L 17 -7.10 -22.52 -11.56
C ASP L 17 -6.67 -22.60 -10.10
N ARG L 18 -5.38 -22.24 -9.83
CA ARG L 18 -4.87 -22.14 -8.48
C ARG L 18 -5.69 -21.29 -7.52
N LEU L 19 -6.17 -20.08 -7.92
CA LEU L 19 -6.94 -19.33 -6.99
C LEU L 19 -8.21 -20.06 -6.57
N ASN L 20 -8.82 -20.72 -7.55
CA ASN L 20 -10.01 -21.48 -7.35
C ASN L 20 -9.70 -22.65 -6.32
N GLU L 21 -8.53 -23.28 -6.51
CA GLU L 21 -8.12 -24.45 -5.73
C GLU L 21 -7.92 -23.97 -4.27
N VAL L 22 -7.19 -22.85 -4.12
CA VAL L 22 -6.87 -22.28 -2.84
C VAL L 22 -8.19 -21.89 -2.17
N ALA L 23 -9.15 -21.34 -2.91
CA ALA L 23 -10.49 -21.00 -2.32
C ALA L 23 -11.23 -22.25 -1.72
N LYS L 24 -11.31 -23.32 -2.48
CA LYS L 24 -11.87 -24.57 -1.93
C LYS L 24 -11.03 -25.01 -0.69
N ASN L 25 -9.69 -24.92 -0.77
CA ASN L 25 -8.81 -25.56 0.22
C ASN L 25 -8.90 -24.87 1.55
N LEU L 26 -9.35 -23.63 1.55
CA LEU L 26 -9.54 -22.82 2.73
C LEU L 26 -10.63 -23.40 3.62
N ASN L 27 -11.49 -24.19 2.98
CA ASN L 27 -12.51 -24.96 3.73
C ASN L 27 -11.91 -25.72 4.89
N GLU L 28 -10.75 -26.35 4.66
CA GLU L 28 -10.07 -27.16 5.65
C GLU L 28 -9.53 -26.34 6.84
N SER L 29 -9.59 -25.00 6.71
CA SER L 29 -9.11 -24.19 7.83
C SER L 29 -10.21 -23.44 8.60
N LEU L 30 -11.45 -23.61 8.19
CA LEU L 30 -12.53 -23.13 9.07
C LEU L 30 -12.59 -23.89 10.45
N ILE L 31 -13.08 -23.17 11.43
CA ILE L 31 -13.10 -23.68 12.81
C ILE L 31 -14.50 -24.25 13.14
N ASP L 32 -14.55 -25.47 13.69
CA ASP L 32 -15.82 -26.05 14.15
C ASP L 32 -16.14 -25.49 15.53
N LEU L 33 -17.14 -24.64 15.52
CA LEU L 33 -17.63 -23.95 16.72
C LEU L 33 -18.18 -24.91 17.77
N GLN L 34 -18.75 -26.03 17.33
CA GLN L 34 -19.33 -27.06 18.27
C GLN L 34 -18.35 -27.61 19.29
N GLU L 35 -17.06 -27.58 18.91
CA GLU L 35 -15.91 -28.06 19.73
C GLU L 35 -15.41 -27.08 20.81
N LEU L 36 -15.86 -25.84 20.73
CA LEU L 36 -15.43 -24.73 21.60
C LEU L 36 -16.38 -24.43 22.77
NA NA M . -7.41 7.70 12.61
NA NA N . -10.87 15.48 15.94
AS CAC O . -7.05 -11.23 -52.27
O1 CAC O . -5.35 -10.94 -51.65
O2 CAC O . -8.17 -11.88 -50.90
C1 CAC O . -7.81 -9.52 -52.83
C2 CAC O . -6.68 -12.49 -53.85
ZN ZN P . -3.71 -11.16 -52.13
NA NA Q . -10.02 -18.83 -21.43
C ACT R . -9.34 -11.95 -47.21
O ACT R . -8.82 -12.06 -48.34
OXT ACT R . -9.94 -10.90 -47.02
CH3 ACT R . -9.27 -13.00 -46.16
ZN ZN S . -9.55 -10.96 -50.27
NA NA T . -17.16 -1.54 21.19
NA NA U . 7.48 -5.27 10.36
NA NA V . 6.91 -7.02 -16.76
#